data_8POG
#
_entry.id   8POG
#
_cell.length_a   1.00
_cell.length_b   1.00
_cell.length_c   1.00
_cell.angle_alpha   90.00
_cell.angle_beta   90.00
_cell.angle_gamma   90.00
#
_symmetry.space_group_name_H-M   'P 1'
#
_entity_poly.entity_id   1
_entity_poly.type   'polypeptide(L)'
_entity_poly.pdbx_seq_one_letter_code
;MGSTTTLENPALLGWFRGQQTPEGWFDLLALIVDGMVRNVGELESQPFLRQMGIALADQYPLPASETVGELEANINAQLA
RFGWGCVEIDTSDTDLTLRHQALPVSRVEDQQSRWCHAFCAILEGLYVRWMQGQGGKSHVTVSRERLFSLSDVQFRYHNP
Q
;
_entity_poly.pdbx_strand_id   A,B,C,D
#
# COMPACT_ATOMS: atom_id res chain seq x y z
N THR A 4 -9.48 -9.91 -20.51
CA THR A 4 -10.28 -9.19 -21.48
C THR A 4 -10.38 -7.71 -21.12
N THR A 5 -9.85 -7.35 -19.95
CA THR A 5 -9.88 -5.98 -19.47
C THR A 5 -8.60 -5.28 -19.93
N THR A 6 -8.71 -4.51 -21.00
CA THR A 6 -7.58 -3.77 -21.56
C THR A 6 -7.47 -2.41 -20.89
N LEU A 7 -6.46 -1.64 -21.33
CA LEU A 7 -6.15 -0.33 -20.75
C LEU A 7 -6.20 0.72 -21.87
N GLU A 8 -7.21 0.63 -22.73
CA GLU A 8 -7.43 1.66 -23.73
C GLU A 8 -7.85 2.98 -23.13
N ASN A 9 -8.48 2.97 -21.96
CA ASN A 9 -8.87 4.20 -21.27
C ASN A 9 -7.65 4.76 -20.58
N PRO A 10 -7.24 6.00 -20.86
CA PRO A 10 -6.02 6.54 -20.23
C PRO A 10 -6.09 6.61 -18.71
N ALA A 11 -7.29 6.74 -18.13
CA ALA A 11 -7.39 6.84 -16.67
C ALA A 11 -6.92 5.55 -16.00
N LEU A 12 -7.31 4.40 -16.55
CA LEU A 12 -6.93 3.13 -15.94
C LEU A 12 -5.42 2.92 -16.00
N LEU A 13 -4.79 3.20 -17.14
CA LEU A 13 -3.35 3.03 -17.25
C LEU A 13 -2.62 4.04 -16.38
N GLY A 14 -3.16 5.26 -16.27
CA GLY A 14 -2.56 6.24 -15.38
C GLY A 14 -2.60 5.79 -13.92
N TRP A 15 -3.74 5.26 -13.47
CA TRP A 15 -3.82 4.76 -12.10
C TRP A 15 -2.88 3.59 -11.89
N PHE A 16 -2.82 2.68 -12.87
CA PHE A 16 -1.95 1.52 -12.74
C PHE A 16 -0.49 1.94 -12.64
N ARG A 17 -0.06 2.87 -13.48
CA ARG A 17 1.33 3.32 -13.45
C ARG A 17 1.63 4.09 -12.17
N GLY A 18 0.67 4.88 -11.68
CA GLY A 18 0.88 5.60 -10.44
C GLY A 18 0.97 4.66 -9.24
N GLN A 19 0.20 3.58 -9.26
CA GLN A 19 0.24 2.62 -8.17
C GLN A 19 1.47 1.73 -8.25
N GLN A 20 2.02 1.54 -9.46
CA GLN A 20 3.23 0.73 -9.59
C GLN A 20 4.41 1.36 -8.86
N THR A 21 4.57 2.67 -8.98
CA THR A 21 5.64 3.39 -8.30
C THR A 21 5.05 4.33 -7.26
N PRO A 22 5.15 4.02 -5.97
CA PRO A 22 4.57 4.89 -4.95
C PRO A 22 5.31 6.23 -4.88
N GLU A 23 4.65 7.20 -4.27
CA GLU A 23 5.17 8.55 -4.22
C GLU A 23 6.40 8.64 -3.31
N GLY A 24 7.22 9.65 -3.57
CA GLY A 24 8.35 9.97 -2.72
C GLY A 24 9.66 9.29 -3.05
N TRP A 25 9.78 7.99 -2.75
CA TRP A 25 11.06 7.31 -2.88
C TRP A 25 11.51 7.25 -4.33
N PHE A 26 10.57 6.98 -5.24
CA PHE A 26 10.94 6.81 -6.65
C PHE A 26 11.49 8.10 -7.23
N ASP A 27 10.89 9.24 -6.89
CA ASP A 27 11.39 10.52 -7.39
C ASP A 27 12.81 10.78 -6.92
N LEU A 28 13.08 10.52 -5.64
CA LEU A 28 14.42 10.72 -5.11
C LEU A 28 15.42 9.80 -5.78
N LEU A 29 15.05 8.54 -5.99
CA LEU A 29 15.94 7.61 -6.67
C LEU A 29 16.23 8.06 -8.10
N ALA A 30 15.20 8.50 -8.81
CA ALA A 30 15.40 8.99 -10.17
C ALA A 30 16.31 10.22 -10.18
N LEU A 31 16.11 11.13 -9.23
CA LEU A 31 16.97 12.31 -9.15
C LEU A 31 18.42 11.92 -8.89
N ILE A 32 18.65 10.98 -7.98
CA ILE A 32 20.01 10.55 -7.67
C ILE A 32 20.66 9.94 -8.90
N VAL A 33 19.94 9.03 -9.57
CA VAL A 33 20.51 8.35 -10.73
C VAL A 33 20.80 9.34 -11.85
N ASP A 34 19.87 10.26 -12.11
CA ASP A 34 20.08 11.24 -13.18
C ASP A 34 21.25 12.16 -12.86
N GLY A 35 21.35 12.61 -11.61
CA GLY A 35 22.49 13.45 -11.23
C GLY A 35 23.81 12.73 -11.40
N MET A 36 23.87 11.47 -10.95
CA MET A 36 25.11 10.71 -11.07
C MET A 36 25.48 10.50 -12.53
N VAL A 37 24.51 10.15 -13.37
CA VAL A 37 24.81 9.86 -14.77
C VAL A 37 25.20 11.13 -15.51
N ARG A 38 24.64 12.28 -15.13
CA ARG A 38 25.06 13.53 -15.75
C ARG A 38 26.47 13.93 -15.29
N ASN A 39 26.78 13.70 -14.02
CA ASN A 39 28.07 14.12 -13.50
C ASN A 39 29.20 13.22 -13.99
N VAL A 40 28.94 11.93 -14.15
CA VAL A 40 30.01 11.00 -14.51
C VAL A 40 30.06 10.67 -16.00
N GLY A 41 28.94 10.35 -16.63
CA GLY A 41 28.95 9.96 -18.02
C GLY A 41 28.12 8.71 -18.27
N GLU A 42 27.90 8.42 -19.55
CA GLU A 42 27.02 7.30 -19.91
C GLU A 42 27.77 5.98 -19.89
N LEU A 43 28.80 5.83 -20.74
CA LEU A 43 29.41 4.53 -20.94
C LEU A 43 30.18 4.06 -19.71
N GLU A 44 31.02 4.93 -19.16
CA GLU A 44 31.85 4.54 -18.02
C GLU A 44 31.03 4.27 -16.76
N SER A 45 29.76 4.68 -16.74
CA SER A 45 28.88 4.36 -15.63
C SER A 45 28.22 2.99 -15.78
N GLN A 46 28.35 2.35 -16.94
CA GLN A 46 27.74 1.04 -17.14
C GLN A 46 28.28 -0.03 -16.18
N PRO A 47 29.59 -0.18 -15.97
CA PRO A 47 30.04 -1.25 -15.07
C PRO A 47 29.58 -1.08 -13.63
N PHE A 48 29.83 0.10 -13.05
CA PHE A 48 29.53 0.31 -11.63
C PHE A 48 28.09 -0.01 -11.30
N LEU A 49 27.15 0.55 -12.08
CA LEU A 49 25.74 0.27 -11.87
C LEU A 49 25.49 -1.24 -11.86
N ARG A 50 26.07 -1.95 -12.83
CA ARG A 50 25.92 -3.40 -12.87
C ARG A 50 26.29 -4.03 -11.54
N GLN A 51 27.44 -3.63 -10.98
CA GLN A 51 27.85 -4.18 -9.70
C GLN A 51 26.78 -3.97 -8.63
N MET A 52 26.18 -2.78 -8.60
CA MET A 52 25.10 -2.51 -7.66
C MET A 52 24.01 -3.56 -7.78
N GLY A 53 23.58 -3.85 -9.01
CA GLY A 53 22.56 -4.87 -9.20
C GLY A 53 22.95 -6.20 -8.60
N ILE A 54 24.22 -6.59 -8.78
CA ILE A 54 24.69 -7.85 -8.21
C ILE A 54 24.45 -7.85 -6.70
N ALA A 55 24.79 -6.75 -6.03
CA ALA A 55 24.62 -6.68 -4.58
C ALA A 55 23.15 -6.91 -4.21
N LEU A 56 22.23 -6.38 -5.01
CA LEU A 56 20.81 -6.56 -4.73
C LEU A 56 20.46 -8.03 -4.69
N ALA A 57 20.99 -8.81 -5.62
CA ALA A 57 20.65 -10.23 -5.68
C ALA A 57 21.20 -10.97 -4.46
N ASP A 58 22.22 -10.40 -3.81
CA ASP A 58 22.73 -11.02 -2.59
C ASP A 58 21.74 -10.88 -1.45
N GLN A 59 20.90 -9.85 -1.49
CA GLN A 59 19.94 -9.64 -0.42
C GLN A 59 18.82 -10.69 -0.45
N TYR A 60 18.33 -11.04 -1.63
CA TYR A 60 17.13 -11.87 -1.78
C TYR A 60 17.45 -13.08 -2.65
N PRO A 61 18.04 -14.12 -2.06
CA PRO A 61 18.31 -15.34 -2.82
C PRO A 61 17.03 -16.10 -3.13
N LEU A 62 17.07 -16.87 -4.21
CA LEU A 62 15.97 -17.74 -4.63
C LEU A 62 16.27 -19.20 -4.30
N PRO A 63 15.23 -20.01 -4.10
CA PRO A 63 15.43 -21.43 -3.86
C PRO A 63 15.83 -22.16 -5.14
N ALA A 64 16.36 -23.36 -4.96
CA ALA A 64 16.82 -24.17 -6.08
C ALA A 64 15.67 -24.51 -7.01
N SER A 65 15.96 -24.52 -8.31
CA SER A 65 14.99 -24.83 -9.34
C SER A 65 15.57 -25.87 -10.28
N GLU A 66 14.71 -26.74 -10.81
CA GLU A 66 15.13 -27.83 -11.68
C GLU A 66 14.70 -27.67 -13.12
N THR A 67 13.65 -26.89 -13.39
CA THR A 67 13.15 -26.69 -14.74
C THR A 67 13.02 -25.19 -15.00
N VAL A 68 12.99 -24.84 -16.29
CA VAL A 68 12.88 -23.43 -16.68
C VAL A 68 11.54 -22.85 -16.23
N GLY A 69 10.49 -23.67 -16.24
CA GLY A 69 9.19 -23.19 -15.78
C GLY A 69 9.19 -22.79 -14.32
N GLU A 70 9.82 -23.61 -13.47
CA GLU A 70 9.90 -23.29 -12.06
C GLU A 70 10.73 -22.03 -11.83
N LEU A 71 11.83 -21.88 -12.58
CA LEU A 71 12.64 -20.66 -12.47
C LEU A 71 11.83 -19.44 -12.88
N GLU A 72 11.04 -19.57 -13.95
CA GLU A 72 10.17 -18.47 -14.36
C GLU A 72 9.16 -18.15 -13.27
N ALA A 73 8.59 -19.17 -12.62
CA ALA A 73 7.62 -18.95 -11.56
C ALA A 73 8.28 -18.20 -10.39
N ASN A 74 9.48 -18.61 -9.99
CA ASN A 74 10.15 -17.93 -8.88
C ASN A 74 10.50 -16.50 -9.24
N ILE A 75 11.00 -16.27 -10.46
CA ILE A 75 11.35 -14.91 -10.87
C ILE A 75 10.11 -14.04 -10.93
N ASN A 76 9.00 -14.58 -11.45
CA ASN A 76 7.76 -13.81 -11.50
C ASN A 76 7.25 -13.49 -10.10
N ALA A 77 7.35 -14.46 -9.17
CA ALA A 77 6.92 -14.20 -7.80
C ALA A 77 7.75 -13.09 -7.16
N GLN A 78 9.07 -13.15 -7.32
CA GLN A 78 9.92 -12.12 -6.74
C GLN A 78 9.66 -10.75 -7.37
N LEU A 79 9.48 -10.71 -8.69
CA LEU A 79 9.23 -9.43 -9.36
C LEU A 79 7.89 -8.85 -8.93
N ALA A 80 6.87 -9.70 -8.79
CA ALA A 80 5.58 -9.23 -8.28
C ALA A 80 5.70 -8.74 -6.85
N ARG A 81 6.56 -9.37 -6.04
CA ARG A 81 6.84 -8.88 -4.70
C ARG A 81 7.44 -7.48 -4.76
N PHE A 82 8.38 -7.27 -5.68
CA PHE A 82 8.92 -5.93 -5.92
C PHE A 82 7.91 -5.00 -6.58
N GLY A 83 6.92 -5.53 -7.29
CA GLY A 83 5.99 -4.68 -8.03
C GLY A 83 6.64 -3.93 -9.16
N TRP A 84 7.51 -4.60 -9.92
CA TRP A 84 8.22 -3.97 -11.04
C TRP A 84 7.64 -4.33 -12.39
N GLY A 85 6.77 -5.34 -12.46
CA GLY A 85 6.23 -5.79 -13.73
C GLY A 85 6.30 -7.29 -13.88
N CYS A 86 6.48 -7.78 -15.10
CA CYS A 86 6.54 -9.21 -15.36
C CYS A 86 7.56 -9.50 -16.45
N VAL A 87 8.03 -10.75 -16.45
CA VAL A 87 8.99 -11.24 -17.43
C VAL A 87 8.57 -12.64 -17.85
N GLU A 88 8.91 -13.00 -19.08
CA GLU A 88 8.62 -14.32 -19.63
C GLU A 88 9.89 -14.88 -20.26
N ILE A 89 10.02 -16.20 -20.24
CA ILE A 89 11.21 -16.90 -20.73
C ILE A 89 10.87 -17.54 -22.07
N ASP A 90 11.84 -17.52 -22.99
CA ASP A 90 11.76 -18.25 -24.23
C ASP A 90 13.12 -18.89 -24.53
N THR A 91 13.08 -20.06 -25.15
CA THR A 91 14.30 -20.80 -25.47
C THR A 91 14.48 -20.84 -26.98
N SER A 92 15.70 -20.56 -27.42
CA SER A 92 16.06 -20.62 -28.83
C SER A 92 16.90 -21.87 -29.09
N ASP A 93 17.42 -21.96 -30.31
CA ASP A 93 18.24 -23.10 -30.68
C ASP A 93 19.48 -23.22 -29.81
N THR A 94 20.08 -22.11 -29.39
CA THR A 94 21.27 -22.13 -28.56
C THR A 94 21.23 -21.20 -27.35
N ASP A 95 20.38 -20.17 -27.35
CA ASP A 95 20.42 -19.13 -26.32
C ASP A 95 19.03 -18.92 -25.74
N LEU A 96 18.99 -18.20 -24.62
CA LEU A 96 17.75 -17.89 -23.92
C LEU A 96 17.37 -16.43 -24.16
N THR A 97 16.07 -16.15 -24.08
CA THR A 97 15.56 -14.79 -24.24
C THR A 97 14.58 -14.47 -23.13
N LEU A 98 14.72 -13.29 -22.53
CA LEU A 98 13.83 -12.82 -21.47
C LEU A 98 13.08 -11.61 -21.98
N ARG A 99 11.75 -11.66 -21.93
CA ARG A 99 10.93 -10.52 -22.34
C ARG A 99 10.33 -9.87 -21.10
N HIS A 100 10.72 -8.63 -20.84
CA HIS A 100 10.27 -7.85 -19.69
C HIS A 100 9.26 -6.81 -20.16
N GLN A 101 8.09 -6.81 -19.54
CA GLN A 101 7.00 -5.92 -19.92
C GLN A 101 6.64 -5.04 -18.74
N ALA A 102 5.87 -3.98 -19.03
CA ALA A 102 5.41 -3.02 -18.02
C ALA A 102 6.59 -2.38 -17.28
N LEU A 103 7.55 -1.89 -18.04
CA LEU A 103 8.71 -1.25 -17.43
C LEU A 103 8.30 0.03 -16.73
N PRO A 104 8.83 0.31 -15.53
CA PRO A 104 8.45 1.54 -14.83
C PRO A 104 8.83 2.79 -15.61
N VAL A 105 8.01 3.83 -15.47
CA VAL A 105 8.15 5.06 -16.22
C VAL A 105 8.23 6.23 -15.24
N SER A 106 9.21 7.10 -15.45
CA SER A 106 9.33 8.29 -14.63
C SER A 106 8.24 9.30 -14.99
N ARG A 107 7.89 10.15 -14.03
CA ARG A 107 6.82 11.12 -14.25
C ARG A 107 7.23 12.22 -15.22
N VAL A 108 8.50 12.61 -15.20
CA VAL A 108 9.01 13.63 -16.12
C VAL A 108 9.27 12.96 -17.47
N GLU A 109 8.65 13.51 -18.52
CA GLU A 109 8.74 12.88 -19.83
C GLU A 109 10.10 13.12 -20.48
N ASP A 110 10.68 14.30 -20.26
CA ASP A 110 11.91 14.66 -20.96
C ASP A 110 13.07 13.73 -20.61
N GLN A 111 13.24 13.43 -19.32
CA GLN A 111 14.34 12.59 -18.87
C GLN A 111 14.06 11.10 -19.04
N GLN A 112 12.79 10.74 -19.28
CA GLN A 112 12.37 9.34 -19.33
C GLN A 112 13.36 8.46 -20.07
N SER A 113 13.66 8.80 -21.34
CA SER A 113 14.56 8.00 -22.14
C SER A 113 15.83 7.66 -21.37
N ARG A 114 16.56 8.69 -20.91
CA ARG A 114 17.78 8.44 -20.17
C ARG A 114 17.52 7.50 -19.00
N TRP A 115 16.52 7.82 -18.18
CA TRP A 115 16.17 6.97 -17.05
C TRP A 115 16.03 5.53 -17.48
N CYS A 116 15.28 5.28 -18.55
CA CYS A 116 15.05 3.92 -18.99
C CYS A 116 16.38 3.19 -19.17
N HIS A 117 17.31 3.79 -19.92
CA HIS A 117 18.60 3.14 -20.14
C HIS A 117 19.24 2.77 -18.82
N ALA A 118 19.31 3.74 -17.90
CA ALA A 118 19.92 3.48 -16.61
C ALA A 118 19.28 2.27 -15.95
N PHE A 119 17.96 2.26 -15.88
CA PHE A 119 17.27 1.17 -15.20
C PHE A 119 17.64 -0.16 -15.86
N CYS A 120 17.68 -0.19 -17.19
CA CYS A 120 17.99 -1.43 -17.88
C CYS A 120 19.32 -1.99 -17.39
N ALA A 121 20.33 -1.14 -17.25
CA ALA A 121 21.64 -1.60 -16.81
C ALA A 121 21.51 -2.36 -15.50
N ILE A 122 20.79 -1.78 -14.53
CA ILE A 122 20.66 -2.43 -13.23
C ILE A 122 20.13 -3.84 -13.41
N LEU A 123 19.06 -4.00 -14.19
CA LEU A 123 18.45 -5.31 -14.35
C LEU A 123 19.49 -6.33 -14.78
N GLU A 124 20.35 -5.95 -15.74
CA GLU A 124 21.40 -6.83 -16.20
C GLU A 124 22.07 -7.53 -15.03
N GLY A 125 22.69 -6.74 -14.15
CA GLY A 125 23.42 -7.33 -13.05
C GLY A 125 22.56 -8.30 -12.27
N LEU A 126 21.37 -7.86 -11.88
CA LEU A 126 20.50 -8.70 -11.09
C LEU A 126 20.27 -10.03 -11.79
N TYR A 127 19.85 -9.97 -13.06
CA TYR A 127 19.52 -11.19 -13.77
C TYR A 127 20.69 -12.15 -13.74
N VAL A 128 21.90 -11.64 -13.96
CA VAL A 128 23.06 -12.51 -14.05
C VAL A 128 23.17 -13.36 -12.78
N ARG A 129 23.11 -12.73 -11.62
CA ARG A 129 23.32 -13.48 -10.39
C ARG A 129 22.23 -14.51 -10.20
N TRP A 130 21.00 -14.19 -10.61
CA TRP A 130 19.92 -15.17 -10.47
C TRP A 130 20.19 -16.38 -11.34
N MET A 131 20.69 -16.17 -12.56
CA MET A 131 21.04 -17.30 -13.40
C MET A 131 22.23 -18.07 -12.82
N GLN A 132 23.04 -17.38 -12.01
CA GLN A 132 24.17 -18.05 -11.36
C GLN A 132 23.71 -18.83 -10.14
N GLY A 133 22.42 -18.72 -9.79
CA GLY A 133 21.91 -19.48 -8.66
C GLY A 133 21.95 -20.98 -8.87
N GLN A 134 21.93 -21.42 -10.13
CA GLN A 134 22.01 -22.84 -10.48
C GLN A 134 23.45 -23.32 -10.64
N GLY A 135 24.43 -22.45 -10.45
CA GLY A 135 25.82 -22.80 -10.67
C GLY A 135 26.42 -22.23 -11.94
N GLY A 136 25.83 -21.19 -12.51
CA GLY A 136 26.41 -20.58 -13.70
C GLY A 136 27.76 -19.96 -13.40
N LYS A 137 28.63 -19.96 -14.40
CA LYS A 137 29.97 -19.42 -14.25
C LYS A 137 29.92 -17.90 -14.13
N SER A 138 30.96 -17.36 -13.46
CA SER A 138 30.99 -15.92 -13.20
C SER A 138 31.17 -15.11 -14.48
N HIS A 139 31.91 -15.63 -15.45
CA HIS A 139 32.20 -14.87 -16.65
C HIS A 139 31.06 -14.84 -17.65
N VAL A 140 29.99 -15.59 -17.40
CA VAL A 140 28.83 -15.61 -18.28
C VAL A 140 27.92 -14.45 -17.94
N THR A 141 27.60 -13.62 -18.93
CA THR A 141 26.83 -12.40 -18.73
C THR A 141 25.70 -12.31 -19.76
N VAL A 142 24.95 -11.21 -19.68
CA VAL A 142 23.85 -10.92 -20.58
C VAL A 142 24.07 -9.53 -21.17
N SER A 143 23.46 -9.28 -22.34
CA SER A 143 23.57 -7.99 -23.01
C SER A 143 22.29 -7.69 -23.75
N ARG A 144 22.07 -6.40 -24.02
CA ARG A 144 20.90 -5.96 -24.75
C ARG A 144 21.02 -6.31 -26.23
N GLU A 145 19.88 -6.46 -26.89
CA GLU A 145 19.85 -6.74 -28.32
C GLU A 145 18.96 -5.74 -29.05
N ARG A 146 17.84 -5.35 -28.44
CA ARG A 146 16.89 -4.45 -29.07
C ARG A 146 15.96 -3.89 -28.00
N LEU A 147 15.35 -2.76 -28.31
CA LEU A 147 14.38 -2.10 -27.43
C LEU A 147 13.10 -1.86 -28.24
N PHE A 148 12.03 -2.57 -27.90
CA PHE A 148 10.78 -2.45 -28.64
C PHE A 148 10.17 -1.06 -28.47
N SER A 149 10.04 -0.60 -27.23
CA SER A 149 9.40 0.68 -26.94
C SER A 149 9.87 1.16 -25.58
N LEU A 150 9.20 2.19 -25.07
CA LEU A 150 9.57 2.80 -23.80
C LEU A 150 9.15 1.97 -22.59
N SER A 151 8.33 0.94 -22.78
CA SER A 151 7.84 0.12 -21.68
C SER A 151 7.89 -1.37 -22.01
N ASP A 152 8.95 -1.81 -22.71
CA ASP A 152 9.10 -3.21 -23.08
C ASP A 152 10.54 -3.42 -23.52
N VAL A 153 11.14 -4.53 -23.08
CA VAL A 153 12.54 -4.82 -23.40
C VAL A 153 12.72 -6.32 -23.50
N GLN A 154 13.77 -6.75 -24.21
CA GLN A 154 14.12 -8.16 -24.31
C GLN A 154 15.63 -8.31 -24.13
N PHE A 155 16.03 -9.36 -23.41
CA PHE A 155 17.41 -9.63 -23.06
C PHE A 155 17.81 -10.99 -23.62
N ARG A 156 19.08 -11.10 -24.01
CA ARG A 156 19.63 -12.33 -24.57
C ARG A 156 20.67 -12.91 -23.62
N TYR A 157 20.53 -14.19 -23.31
CA TYR A 157 21.45 -14.92 -22.44
C TYR A 157 22.14 -16.01 -23.27
N HIS A 158 23.47 -15.98 -23.27
CA HIS A 158 24.27 -16.98 -23.96
C HIS A 158 25.48 -17.33 -23.11
N ASN A 159 25.98 -18.54 -23.29
CA ASN A 159 27.15 -19.01 -22.55
C ASN A 159 28.43 -18.76 -23.33
N THR B 4 12.31 4.61 21.73
CA THR B 4 12.17 6.03 22.00
C THR B 4 11.15 6.67 21.07
N THR B 5 10.45 5.84 20.30
CA THR B 5 9.45 6.31 19.35
C THR B 5 8.07 6.24 20.00
N THR B 6 7.69 7.33 20.64
CA THR B 6 6.39 7.46 21.28
C THR B 6 5.38 8.09 20.33
N LEU B 7 4.12 8.14 20.76
CA LEU B 7 3.02 8.67 19.95
C LEU B 7 2.33 9.78 20.73
N GLU B 8 3.13 10.59 21.44
CA GLU B 8 2.59 11.76 22.12
C GLU B 8 2.12 12.83 21.15
N ASN B 9 2.67 12.86 19.93
CA ASN B 9 2.25 13.84 18.93
C ASN B 9 1.05 13.26 18.20
N PRO B 10 -0.08 13.97 18.13
CA PRO B 10 -1.28 13.39 17.50
C PRO B 10 -1.10 13.02 16.04
N ALA B 11 -0.25 13.74 15.29
CA ALA B 11 -0.13 13.47 13.86
C ALA B 11 0.41 12.07 13.59
N LEU B 12 1.40 11.64 14.38
CA LEU B 12 1.99 10.31 14.15
C LEU B 12 0.97 9.21 14.40
N LEU B 13 0.24 9.28 15.51
CA LEU B 13 -0.77 8.26 15.78
C LEU B 13 -1.89 8.32 14.76
N GLY B 14 -2.24 9.53 14.30
CA GLY B 14 -3.25 9.64 13.27
C GLY B 14 -2.83 8.97 11.97
N TRP B 15 -1.59 9.21 11.54
CA TRP B 15 -1.09 8.57 10.33
C TRP B 15 -1.03 7.06 10.50
N PHE B 16 -0.59 6.59 11.67
CA PHE B 16 -0.50 5.15 11.90
C PHE B 16 -1.88 4.50 11.85
N ARG B 17 -2.87 5.12 12.49
CA ARG B 17 -4.23 4.55 12.48
C ARG B 17 -4.84 4.63 11.10
N GLY B 18 -4.57 5.70 10.36
CA GLY B 18 -5.10 5.82 9.01
C GLY B 18 -4.52 4.79 8.06
N GLN B 19 -3.22 4.51 8.19
CA GLN B 19 -2.61 3.51 7.34
C GLN B 19 -2.93 2.09 7.80
N GLN B 20 -3.34 1.94 9.07
CA GLN B 20 -3.76 0.62 9.53
C GLN B 20 -5.01 0.15 8.78
N THR B 21 -5.97 1.04 8.59
CA THR B 21 -7.19 0.71 7.85
C THR B 21 -7.22 1.49 6.54
N PRO B 22 -6.97 0.85 5.40
CA PRO B 22 -6.92 1.58 4.13
C PRO B 22 -8.27 2.15 3.76
N GLU B 23 -8.24 3.15 2.90
CA GLU B 23 -9.44 3.90 2.55
C GLU B 23 -10.44 3.04 1.79
N GLY B 24 -11.72 3.37 1.93
CA GLY B 24 -12.78 2.77 1.14
C GLY B 24 -13.44 1.54 1.73
N TRP B 25 -12.74 0.41 1.73
CA TRP B 25 -13.37 -0.86 2.10
C TRP B 25 -13.81 -0.85 3.56
N PHE B 26 -12.98 -0.28 4.43
CA PHE B 26 -13.26 -0.33 5.87
C PHE B 26 -14.55 0.42 6.20
N ASP B 27 -14.77 1.58 5.56
CA ASP B 27 -15.98 2.34 5.83
C ASP B 27 -17.22 1.55 5.42
N LEU B 28 -17.17 0.89 4.25
CA LEU B 28 -18.31 0.10 3.80
C LEU B 28 -18.56 -1.07 4.75
N LEU B 29 -17.49 -1.74 5.19
CA LEU B 29 -17.66 -2.85 6.13
C LEU B 29 -18.28 -2.37 7.44
N ALA B 30 -17.80 -1.23 7.95
CA ALA B 30 -18.36 -0.69 9.18
C ALA B 30 -19.82 -0.34 9.02
N LEU B 31 -20.18 0.28 7.89
CA LEU B 31 -21.57 0.61 7.65
C LEU B 31 -22.45 -0.64 7.61
N ILE B 32 -21.99 -1.69 6.91
CA ILE B 32 -22.78 -2.91 6.81
C ILE B 32 -22.97 -3.54 8.19
N VAL B 33 -21.88 -3.64 8.96
CA VAL B 33 -21.95 -4.29 10.26
C VAL B 33 -22.86 -3.48 11.20
N ASP B 34 -22.70 -2.16 11.21
CA ASP B 34 -23.52 -1.32 12.08
C ASP B 34 -24.99 -1.41 11.70
N GLY B 35 -25.30 -1.38 10.41
CA GLY B 35 -26.69 -1.51 9.99
C GLY B 35 -27.29 -2.83 10.41
N MET B 36 -26.54 -3.92 10.21
CA MET B 36 -27.07 -5.24 10.56
C MET B 36 -27.28 -5.36 12.06
N VAL B 37 -26.33 -4.87 12.86
CA VAL B 37 -26.46 -5.02 14.32
C VAL B 37 -27.58 -4.14 14.85
N ARG B 38 -27.77 -2.96 14.26
CA ARG B 38 -28.91 -2.13 14.65
C ARG B 38 -30.22 -2.80 14.28
N ASN B 39 -30.28 -3.45 13.11
CA ASN B 39 -31.50 -4.10 12.68
C ASN B 39 -31.84 -5.29 13.57
N VAL B 40 -30.85 -6.07 13.98
CA VAL B 40 -31.10 -7.30 14.72
C VAL B 40 -30.89 -7.16 16.23
N GLY B 41 -29.83 -6.51 16.67
CA GLY B 41 -29.55 -6.41 18.09
C GLY B 41 -28.16 -6.89 18.42
N GLU B 42 -27.61 -6.37 19.53
CA GLU B 42 -26.23 -6.68 19.88
C GLU B 42 -26.06 -8.13 20.31
N LEU B 43 -26.94 -8.63 21.17
CA LEU B 43 -26.82 -10.01 21.64
C LEU B 43 -27.23 -11.00 20.55
N GLU B 44 -28.36 -10.74 19.89
CA GLU B 44 -28.89 -11.69 18.91
C GLU B 44 -27.95 -11.89 17.73
N SER B 45 -27.15 -10.89 17.37
CA SER B 45 -26.19 -11.04 16.29
C SER B 45 -24.86 -11.61 16.75
N GLN B 46 -24.67 -11.80 18.06
CA GLN B 46 -23.40 -12.32 18.55
C GLN B 46 -23.08 -13.71 18.01
N PRO B 47 -23.99 -14.70 18.05
CA PRO B 47 -23.61 -16.03 17.54
C PRO B 47 -23.30 -16.04 16.05
N PHE B 48 -24.20 -15.48 15.23
CA PHE B 48 -24.03 -15.54 13.77
C PHE B 48 -22.67 -14.99 13.35
N LEU B 49 -22.31 -13.80 13.84
CA LEU B 49 -21.01 -13.24 13.51
C LEU B 49 -19.89 -14.22 13.81
N ARG B 50 -19.95 -14.88 14.97
CA ARG B 50 -18.92 -15.85 15.32
C ARG B 50 -18.74 -16.88 14.21
N GLN B 51 -19.85 -17.41 13.68
CA GLN B 51 -19.75 -18.40 12.62
C GLN B 51 -18.97 -17.84 11.42
N MET B 52 -19.25 -16.60 11.05
CA MET B 52 -18.51 -15.96 9.96
C MET B 52 -17.01 -16.03 10.21
N GLY B 53 -16.58 -15.69 11.43
CA GLY B 53 -15.17 -15.76 11.74
C GLY B 53 -14.60 -17.14 11.48
N ILE B 54 -15.34 -18.19 11.87
CA ILE B 54 -14.88 -19.56 11.63
C ILE B 54 -14.57 -19.75 10.15
N ALA B 55 -15.48 -19.30 9.29
CA ALA B 55 -15.28 -19.49 7.85
C ALA B 55 -13.98 -18.81 7.41
N LEU B 56 -13.68 -17.64 7.96
CA LEU B 56 -12.46 -16.93 7.58
C LEU B 56 -11.25 -17.78 7.91
N ALA B 57 -11.27 -18.47 9.05
CA ALA B 57 -10.12 -19.28 9.44
C ALA B 57 -9.91 -20.45 8.49
N ASP B 58 -10.97 -20.85 7.77
CA ASP B 58 -10.82 -21.91 6.79
C ASP B 58 -10.01 -21.43 5.59
N GLN B 59 -10.03 -20.12 5.31
CA GLN B 59 -9.31 -19.61 4.15
C GLN B 59 -7.81 -19.69 4.32
N TYR B 60 -7.30 -19.39 5.52
CA TYR B 60 -5.87 -19.21 5.77
C TYR B 60 -5.40 -20.14 6.87
N PRO B 61 -5.14 -21.40 6.55
CA PRO B 61 -4.63 -22.33 7.57
C PRO B 61 -3.19 -22.01 7.95
N LEU B 62 -2.81 -22.43 9.16
CA LEU B 62 -1.47 -22.29 9.69
C LEU B 62 -0.72 -23.60 9.65
N PRO B 63 0.61 -23.55 9.58
CA PRO B 63 1.41 -24.78 9.67
C PRO B 63 1.43 -25.31 11.09
N ALA B 64 1.84 -26.57 11.21
CA ALA B 64 1.86 -27.25 12.49
C ALA B 64 2.81 -26.56 13.46
N SER B 65 2.40 -26.51 14.73
CA SER B 65 3.17 -25.89 15.79
C SER B 65 3.35 -26.87 16.94
N GLU B 66 4.50 -26.82 17.59
CA GLU B 66 4.82 -27.72 18.69
C GLU B 66 4.92 -27.04 20.04
N THR B 67 5.20 -25.74 20.07
CA THR B 67 5.33 -24.99 21.32
C THR B 67 4.44 -23.75 21.26
N VAL B 68 4.15 -23.21 22.44
CA VAL B 68 3.30 -22.02 22.53
C VAL B 68 3.98 -20.83 21.87
N GLY B 69 5.31 -20.74 21.98
CA GLY B 69 6.02 -19.65 21.34
C GLY B 69 5.95 -19.72 19.83
N GLU B 70 6.07 -20.91 19.26
CA GLU B 70 6.01 -21.07 17.81
C GLU B 70 4.60 -20.70 17.30
N LEU B 71 3.58 -21.14 18.03
CA LEU B 71 2.21 -20.78 17.67
C LEU B 71 1.99 -19.29 17.76
N GLU B 72 2.56 -18.65 18.79
CA GLU B 72 2.50 -17.19 18.90
C GLU B 72 3.17 -16.54 17.70
N ALA B 73 4.31 -17.08 17.26
CA ALA B 73 4.99 -16.54 16.09
C ALA B 73 4.12 -16.65 14.85
N ASN B 74 3.48 -17.81 14.66
CA ASN B 74 2.61 -17.98 13.48
C ASN B 74 1.43 -17.02 13.52
N ILE B 75 0.77 -16.90 14.67
CA ILE B 75 -0.37 -16.00 14.78
C ILE B 75 0.06 -14.55 14.56
N ASN B 76 1.20 -14.18 15.14
CA ASN B 76 1.71 -12.83 14.96
C ASN B 76 2.03 -12.54 13.50
N ALA B 77 2.62 -13.50 12.81
CA ALA B 77 2.93 -13.32 11.38
C ALA B 77 1.64 -13.15 10.58
N GLN B 78 0.63 -13.96 10.86
CA GLN B 78 -0.62 -13.84 10.11
C GLN B 78 -1.31 -12.51 10.37
N LEU B 79 -1.34 -12.07 11.63
CA LEU B 79 -1.94 -10.78 11.94
C LEU B 79 -1.17 -9.63 11.31
N ALA B 80 0.17 -9.73 11.28
CA ALA B 80 0.96 -8.72 10.60
C ALA B 80 0.66 -8.71 9.11
N ARG B 81 0.43 -9.89 8.52
CA ARG B 81 0.02 -9.96 7.13
C ARG B 81 -1.31 -9.25 6.92
N PHE B 82 -2.26 -9.47 7.84
CA PHE B 82 -3.51 -8.73 7.81
C PHE B 82 -3.37 -7.26 8.15
N GLY B 83 -2.33 -6.89 8.89
CA GLY B 83 -2.22 -5.51 9.35
C GLY B 83 -3.29 -5.11 10.33
N TRP B 84 -3.60 -5.98 11.29
CA TRP B 84 -4.63 -5.71 12.28
C TRP B 84 -4.07 -5.33 13.65
N GLY B 85 -2.78 -5.51 13.87
CA GLY B 85 -2.18 -5.21 15.16
C GLY B 85 -1.29 -6.34 15.66
N CYS B 86 -1.26 -6.56 16.97
CA CYS B 86 -0.42 -7.59 17.55
C CYS B 86 -1.15 -8.23 18.73
N VAL B 87 -0.72 -9.45 19.06
CA VAL B 87 -1.25 -10.22 20.17
C VAL B 87 -0.09 -10.88 20.90
N GLU B 88 -0.26 -11.06 22.21
CA GLU B 88 0.74 -11.71 23.05
C GLU B 88 0.05 -12.78 23.89
N ILE B 89 0.76 -13.85 24.19
CA ILE B 89 0.22 -15.02 24.87
C ILE B 89 0.77 -15.03 26.30
N ASP B 90 -0.09 -15.40 27.25
CA ASP B 90 0.32 -15.68 28.62
C ASP B 90 -0.34 -16.97 29.08
N THR B 91 0.40 -17.75 29.88
CA THR B 91 -0.05 -19.05 30.33
C THR B 91 -0.18 -19.04 31.85
N SER B 92 -1.27 -19.62 32.34
CA SER B 92 -1.52 -19.78 33.76
C SER B 92 -1.47 -21.25 34.12
N ASP B 93 -1.85 -21.55 35.37
CA ASP B 93 -1.83 -22.93 35.84
C ASP B 93 -2.79 -23.83 35.05
N THR B 94 -3.94 -23.30 34.62
CA THR B 94 -4.93 -24.10 33.92
C THR B 94 -5.44 -23.51 32.62
N ASP B 95 -5.37 -22.19 32.44
CA ASP B 95 -5.97 -21.53 31.28
C ASP B 95 -5.03 -20.50 30.69
N LEU B 96 -5.29 -20.12 29.44
CA LEU B 96 -4.44 -19.20 28.70
C LEU B 96 -5.13 -17.84 28.54
N THR B 97 -4.32 -16.81 28.32
CA THR B 97 -4.83 -15.46 28.09
C THR B 97 -4.12 -14.86 26.88
N LEU B 98 -4.88 -14.17 26.04
CA LEU B 98 -4.36 -13.52 24.84
C LEU B 98 -4.64 -12.03 24.94
N ARG B 99 -3.59 -11.22 24.88
CA ARG B 99 -3.73 -9.77 24.93
C ARG B 99 -3.56 -9.20 23.54
N HIS B 100 -4.60 -8.52 23.04
CA HIS B 100 -4.63 -7.93 21.71
C HIS B 100 -4.47 -6.42 21.85
N GLN B 101 -3.49 -5.86 21.16
CA GLN B 101 -3.16 -4.45 21.25
C GLN B 101 -3.35 -3.78 19.90
N ALA B 102 -3.52 -2.46 19.92
CA ALA B 102 -3.70 -1.65 18.72
C ALA B 102 -4.92 -2.11 17.92
N LEU B 103 -6.06 -2.20 18.59
CA LEU B 103 -7.29 -2.59 17.91
C LEU B 103 -7.71 -1.50 16.92
N PRO B 104 -8.19 -1.88 15.74
CA PRO B 104 -8.63 -0.87 14.77
C PRO B 104 -9.78 -0.03 15.33
N VAL B 105 -9.79 1.25 14.95
CA VAL B 105 -10.76 2.22 15.45
C VAL B 105 -11.45 2.87 14.27
N SER B 106 -12.78 2.95 14.33
CA SER B 106 -13.54 3.59 13.26
C SER B 106 -13.32 5.09 13.28
N ARG B 107 -13.46 5.72 12.10
CA ARG B 107 -13.23 7.16 11.99
C ARG B 107 -14.30 7.95 12.73
N VAL B 108 -15.55 7.50 12.69
CA VAL B 108 -16.64 8.18 13.38
C VAL B 108 -16.57 7.82 14.86
N GLU B 109 -16.50 8.84 15.72
CA GLU B 109 -16.34 8.60 17.15
C GLU B 109 -17.63 8.10 17.79
N ASP B 110 -18.78 8.56 17.28
CA ASP B 110 -20.06 8.25 17.93
C ASP B 110 -20.36 6.76 17.92
N GLN B 111 -20.27 6.13 16.74
CA GLN B 111 -20.58 4.72 16.61
C GLN B 111 -19.44 3.82 17.06
N GLN B 112 -18.25 4.38 17.26
CA GLN B 112 -17.03 3.59 17.43
C GLN B 112 -17.21 2.51 18.51
N SER B 113 -17.77 2.90 19.66
CA SER B 113 -17.93 1.94 20.75
C SER B 113 -18.66 0.69 20.27
N ARG B 114 -19.83 0.87 19.65
CA ARG B 114 -20.56 -0.28 19.13
C ARG B 114 -19.68 -1.11 18.23
N TRP B 115 -19.00 -0.46 17.27
CA TRP B 115 -18.12 -1.17 16.36
C TRP B 115 -17.16 -2.07 17.11
N CYS B 116 -16.54 -1.54 18.18
CA CYS B 116 -15.56 -2.32 18.92
C CYS B 116 -16.15 -3.66 19.33
N HIS B 117 -17.32 -3.63 19.97
CA HIS B 117 -17.95 -4.87 20.42
C HIS B 117 -18.07 -5.85 19.26
N ALA B 118 -18.64 -5.38 18.14
CA ALA B 118 -18.83 -6.26 16.99
C ALA B 118 -17.52 -6.92 16.60
N PHE B 119 -16.45 -6.11 16.49
CA PHE B 119 -15.17 -6.67 16.05
C PHE B 119 -14.73 -7.79 16.97
N CYS B 120 -14.86 -7.58 18.29
CA CYS B 120 -14.42 -8.61 19.23
C CYS B 120 -15.09 -9.93 18.92
N ALA B 121 -16.40 -9.91 18.66
CA ALA B 121 -17.12 -11.14 18.37
C ALA B 121 -16.44 -11.92 17.26
N ILE B 122 -16.13 -11.24 16.15
CA ILE B 122 -15.52 -11.93 15.02
C ILE B 122 -14.24 -12.61 15.48
N LEU B 123 -13.38 -11.88 16.20
CA LEU B 123 -12.11 -12.45 16.60
C LEU B 123 -12.31 -13.76 17.33
N GLU B 124 -13.32 -13.81 18.22
CA GLU B 124 -13.61 -15.04 18.96
C GLU B 124 -13.59 -16.23 18.02
N GLY B 125 -14.49 -16.22 17.03
CA GLY B 125 -14.59 -17.38 16.15
C GLY B 125 -13.25 -17.72 15.55
N LEU B 126 -12.58 -16.70 14.98
CA LEU B 126 -11.30 -16.94 14.34
C LEU B 126 -10.35 -17.62 15.30
N TYR B 127 -10.18 -17.04 16.49
CA TYR B 127 -9.22 -17.58 17.44
C TYR B 127 -9.51 -19.04 17.72
N VAL B 128 -10.80 -19.38 17.88
CA VAL B 128 -11.15 -20.74 18.26
C VAL B 128 -10.58 -21.71 17.24
N ARG B 129 -10.83 -21.46 15.95
CA ARG B 129 -10.38 -22.43 14.96
C ARG B 129 -8.87 -22.51 14.93
N TRP B 130 -8.19 -21.38 15.13
CA TRP B 130 -6.74 -21.41 15.17
C TRP B 130 -6.26 -22.22 16.35
N MET B 131 -6.92 -22.08 17.50
CA MET B 131 -6.58 -22.91 18.65
C MET B 131 -6.90 -24.37 18.36
N GLN B 132 -7.89 -24.61 17.50
CA GLN B 132 -8.25 -25.98 17.13
C GLN B 132 -7.26 -26.54 16.12
N GLY B 133 -6.31 -25.71 15.66
CA GLY B 133 -5.36 -26.17 14.65
C GLY B 133 -4.48 -27.32 15.13
N GLN B 134 -4.29 -27.43 16.44
CA GLN B 134 -3.48 -28.50 17.02
C GLN B 134 -4.32 -29.71 17.42
N GLY B 135 -5.57 -29.77 17.00
CA GLY B 135 -6.47 -30.84 17.40
C GLY B 135 -7.48 -30.45 18.46
N GLY B 136 -7.71 -29.16 18.66
CA GLY B 136 -8.70 -28.74 19.66
C GLY B 136 -10.09 -29.23 19.28
N LYS B 137 -10.86 -29.61 20.30
CA LYS B 137 -12.19 -30.13 20.06
C LYS B 137 -13.21 -29.00 19.96
N SER B 138 -14.44 -29.37 19.58
CA SER B 138 -15.45 -28.35 19.30
C SER B 138 -16.03 -27.77 20.59
N HIS B 139 -16.01 -28.52 21.69
CA HIS B 139 -16.72 -28.10 22.89
C HIS B 139 -16.02 -26.97 23.65
N VAL B 140 -14.79 -26.62 23.27
CA VAL B 140 -14.08 -25.54 23.94
C VAL B 140 -14.62 -24.20 23.45
N THR B 141 -14.57 -23.18 24.31
CA THR B 141 -15.10 -21.86 24.01
C THR B 141 -14.12 -20.78 24.42
N VAL B 142 -14.29 -19.60 23.83
CA VAL B 142 -13.49 -18.42 24.15
C VAL B 142 -14.46 -17.27 24.43
N SER B 143 -14.24 -16.57 25.55
CA SER B 143 -15.12 -15.50 25.98
C SER B 143 -14.31 -14.31 26.47
N ARG B 144 -14.91 -13.12 26.36
CA ARG B 144 -14.28 -11.91 26.88
C ARG B 144 -14.42 -11.83 28.39
N GLU B 145 -13.54 -11.04 29.00
CA GLU B 145 -13.60 -10.83 30.44
C GLU B 145 -13.61 -9.33 30.79
N ARG B 146 -12.84 -8.54 30.05
CA ARG B 146 -12.72 -7.11 30.37
C ARG B 146 -12.19 -6.39 29.14
N LEU B 147 -12.48 -5.09 29.07
CA LEU B 147 -12.02 -4.22 28.00
C LEU B 147 -11.26 -3.05 28.64
N PHE B 148 -9.94 -3.02 28.43
CA PHE B 148 -9.11 -1.96 29.02
C PHE B 148 -9.50 -0.59 28.48
N SER B 149 -9.57 -0.46 27.16
CA SER B 149 -9.87 0.81 26.52
C SER B 149 -10.41 0.52 25.13
N LEU B 150 -10.48 1.57 24.31
CA LEU B 150 -11.04 1.44 22.96
C LEU B 150 -10.11 0.71 22.01
N SER B 151 -8.84 0.50 22.39
CA SER B 151 -7.87 -0.16 21.51
C SER B 151 -7.02 -1.17 22.27
N ASP B 152 -7.63 -1.97 23.14
CA ASP B 152 -6.90 -2.98 23.89
C ASP B 152 -7.90 -3.99 24.45
N VAL B 153 -7.72 -5.26 24.11
CA VAL B 153 -8.65 -6.32 24.49
C VAL B 153 -7.85 -7.48 25.07
N GLN B 154 -8.51 -8.33 25.85
CA GLN B 154 -7.91 -9.57 26.33
C GLN B 154 -8.94 -10.69 26.34
N PHE B 155 -8.54 -11.85 25.86
CA PHE B 155 -9.37 -13.04 25.77
C PHE B 155 -8.85 -14.12 26.71
N ARG B 156 -9.76 -14.95 27.21
CA ARG B 156 -9.42 -16.04 28.13
C ARG B 156 -9.87 -17.36 27.53
N TYR B 157 -8.95 -18.32 27.44
CA TYR B 157 -9.25 -19.64 26.89
C TYR B 157 -9.06 -20.69 27.97
N HIS B 158 -10.10 -21.50 28.19
CA HIS B 158 -10.05 -22.60 29.13
C HIS B 158 -10.72 -23.81 28.50
N ASN B 159 -10.34 -24.99 28.98
CA ASN B 159 -10.91 -26.24 28.48
C ASN B 159 -12.27 -26.52 29.12
N THR C 4 -0.18 6.28 25.12
CA THR C 4 -1.26 5.31 25.29
C THR C 4 -0.86 3.95 24.74
N THR C 5 -0.88 3.81 23.42
CA THR C 5 -0.49 2.56 22.77
C THR C 5 1.00 2.62 22.46
N THR C 6 1.80 2.10 23.39
CA THR C 6 3.25 2.10 23.27
C THR C 6 3.69 0.95 22.36
N LEU C 7 5.01 0.88 22.15
CA LEU C 7 5.62 -0.11 21.26
C LEU C 7 6.70 -0.87 22.04
N GLU C 8 6.37 -1.23 23.28
CA GLU C 8 7.27 -2.06 24.08
C GLU C 8 7.44 -3.46 23.50
N ASN C 9 6.47 -3.94 22.72
CA ASN C 9 6.59 -5.23 22.04
C ASN C 9 7.39 -5.01 20.76
N PRO C 10 8.52 -5.68 20.58
CA PRO C 10 9.31 -5.45 19.36
C PRO C 10 8.56 -5.80 18.08
N ALA C 11 7.55 -6.66 18.14
CA ALA C 11 6.82 -7.04 16.93
C ALA C 11 6.09 -5.85 16.32
N LEU C 12 5.44 -5.04 17.16
CA LEU C 12 4.69 -3.90 16.65
C LEU C 12 5.61 -2.88 15.99
N LEU C 13 6.72 -2.54 16.64
CA LEU C 13 7.65 -1.60 16.05
C LEU C 13 8.29 -2.17 14.79
N GLY C 14 8.53 -3.49 14.78
CA GLY C 14 9.06 -4.11 13.57
C GLY C 14 8.10 -4.00 12.40
N TRP C 15 6.82 -4.28 12.64
CA TRP C 15 5.82 -4.14 11.58
C TRP C 15 5.71 -2.70 11.12
N PHE C 16 5.72 -1.76 12.07
CA PHE C 16 5.62 -0.34 11.73
C PHE C 16 6.79 0.10 10.86
N ARG C 17 8.01 -0.28 11.24
CA ARG C 17 9.18 0.11 10.47
C ARG C 17 9.20 -0.58 9.11
N GLY C 18 8.77 -1.85 9.05
CA GLY C 18 8.71 -2.54 7.78
C GLY C 18 7.70 -1.93 6.83
N GLN C 19 6.57 -1.44 7.36
CA GLN C 19 5.59 -0.79 6.51
C GLN C 19 6.02 0.61 6.12
N GLN C 20 6.84 1.27 6.95
CA GLN C 20 7.29 2.62 6.63
C GLN C 20 8.12 2.64 5.34
N THR C 21 9.00 1.65 5.18
CA THR C 21 9.80 1.54 3.96
C THR C 21 9.43 0.25 3.23
N PRO C 22 8.65 0.32 2.16
CA PRO C 22 8.29 -0.90 1.43
C PRO C 22 9.50 -1.53 0.77
N GLU C 23 9.38 -2.81 0.46
CA GLU C 23 10.50 -3.58 -0.05
C GLU C 23 10.89 -3.13 -1.46
N GLY C 24 12.13 -3.44 -1.83
CA GLY C 24 12.61 -3.19 -3.18
C GLY C 24 13.27 -1.84 -3.41
N TRP C 25 12.45 -0.78 -3.49
CA TRP C 25 12.99 0.53 -3.85
C TRP C 25 13.95 1.05 -2.79
N PHE C 26 13.58 0.90 -1.51
CA PHE C 26 14.41 1.46 -0.45
C PHE C 26 15.77 0.79 -0.38
N ASP C 27 15.81 -0.53 -0.58
CA ASP C 27 17.10 -1.23 -0.58
C ASP C 27 17.99 -0.75 -1.70
N LEU C 28 17.44 -0.57 -2.90
CA LEU C 28 18.24 -0.09 -4.03
C LEU C 28 18.73 1.33 -3.76
N LEU C 29 17.88 2.19 -3.21
CA LEU C 29 18.29 3.55 -2.90
C LEU C 29 19.42 3.56 -1.87
N ALA C 30 19.29 2.74 -0.82
CA ALA C 30 20.34 2.65 0.18
C ALA C 30 21.64 2.15 -0.43
N LEU C 31 21.56 1.14 -1.30
CA LEU C 31 22.76 0.63 -1.95
C LEU C 31 23.43 1.71 -2.80
N ILE C 32 22.64 2.47 -3.56
CA ILE C 32 23.20 3.52 -4.41
C ILE C 32 23.90 4.57 -3.55
N VAL C 33 23.22 5.03 -2.50
CA VAL C 33 23.79 6.08 -1.66
C VAL C 33 25.06 5.59 -0.97
N ASP C 34 25.03 4.36 -0.44
CA ASP C 34 26.20 3.82 0.26
C ASP C 34 27.37 3.64 -0.70
N GLY C 35 27.11 3.13 -1.90
CA GLY C 35 28.18 2.98 -2.87
C GLY C 35 28.79 4.32 -3.26
N MET C 36 27.95 5.32 -3.49
CA MET C 36 28.46 6.64 -3.88
C MET C 36 29.30 7.23 -2.76
N VAL C 37 28.84 7.14 -1.52
CA VAL C 37 29.57 7.75 -0.41
C VAL C 37 30.87 7.01 -0.15
N ARG C 38 30.87 5.68 -0.32
CA ARG C 38 32.12 4.93 -0.19
C ARG C 38 33.10 5.32 -1.29
N ASN C 39 32.60 5.53 -2.51
CA ASN C 39 33.48 5.85 -3.62
C ASN C 39 34.05 7.26 -3.52
N VAL C 40 33.27 8.20 -3.01
CA VAL C 40 33.70 9.60 -2.96
C VAL C 40 34.22 10.04 -1.59
N GLY C 41 33.44 9.85 -0.53
CA GLY C 41 33.77 10.33 0.80
C GLY C 41 32.62 11.10 1.43
N GLU C 42 32.58 11.10 2.78
CA GLU C 42 31.43 11.65 3.49
C GLU C 42 31.37 13.17 3.38
N LEU C 43 32.51 13.85 3.59
CA LEU C 43 32.48 15.30 3.73
C LEU C 43 32.27 16.00 2.38
N GLU C 44 33.13 15.73 1.41
CA GLU C 44 33.00 16.35 0.09
C GLU C 44 31.74 15.91 -0.64
N SER C 45 31.06 14.85 -0.18
CA SER C 45 29.76 14.50 -0.72
C SER C 45 28.60 15.25 -0.06
N GLN C 46 28.85 16.00 1.00
CA GLN C 46 27.78 16.79 1.63
C GLN C 46 27.15 17.82 0.69
N PRO C 47 27.92 18.64 -0.05
CA PRO C 47 27.24 19.66 -0.87
C PRO C 47 26.36 19.09 -1.96
N PHE C 48 26.88 18.16 -2.77
CA PHE C 48 26.14 17.64 -3.91
C PHE C 48 24.77 17.10 -3.49
N LEU C 49 24.75 16.23 -2.47
CA LEU C 49 23.49 15.69 -1.98
C LEU C 49 22.51 16.81 -1.65
N ARG C 50 22.98 17.85 -0.99
CA ARG C 50 22.10 18.97 -0.64
C ARG C 50 21.37 19.49 -1.86
N GLN C 51 22.09 19.70 -2.97
CA GLN C 51 21.46 20.25 -4.16
C GLN C 51 20.37 19.31 -4.65
N MET C 52 20.62 18.00 -4.61
CA MET C 52 19.58 17.03 -4.94
C MET C 52 18.30 17.32 -4.16
N GLY C 53 18.41 17.50 -2.85
CA GLY C 53 17.23 17.80 -2.05
C GLY C 53 16.50 19.01 -2.57
N ILE C 54 17.24 20.07 -2.92
CA ILE C 54 16.63 21.27 -3.46
C ILE C 54 15.77 20.91 -4.67
N ALA C 55 16.32 20.10 -5.57
CA ALA C 55 15.57 19.71 -6.76
C ALA C 55 14.25 19.05 -6.39
N LEU C 56 14.27 18.20 -5.35
CA LEU C 56 13.05 17.52 -4.93
C LEU C 56 12.01 18.54 -4.50
N ALA C 57 12.44 19.58 -3.78
CA ALA C 57 11.49 20.59 -3.32
C ALA C 57 10.92 21.38 -4.48
N ASP C 58 11.60 21.38 -5.63
CA ASP C 58 11.05 22.03 -6.81
C ASP C 58 9.82 21.31 -7.32
N GLN C 59 9.72 20.00 -7.05
CA GLN C 59 8.60 19.22 -7.59
C GLN C 59 7.28 19.56 -6.90
N TYR C 60 7.30 19.72 -5.58
CA TYR C 60 6.07 19.77 -4.77
C TYR C 60 6.03 21.06 -3.96
N PRO C 61 5.57 22.15 -4.56
CA PRO C 61 5.43 23.40 -3.79
C PRO C 61 4.29 23.32 -2.79
N LEU C 62 4.41 24.13 -1.74
CA LEU C 62 3.40 24.22 -0.69
C LEU C 62 2.54 25.46 -0.88
N PRO C 63 1.30 25.44 -0.39
CA PRO C 63 0.46 26.64 -0.43
C PRO C 63 0.93 27.67 0.58
N ALA C 64 0.49 28.91 0.36
CA ALA C 64 0.90 30.02 1.20
C ALA C 64 0.42 29.82 2.64
N SER C 65 1.28 30.19 3.58
CA SER C 65 0.99 30.07 5.00
C SER C 65 1.28 31.39 5.70
N GLU C 66 0.49 31.71 6.71
CA GLU C 66 0.61 32.96 7.45
C GLU C 66 1.19 32.80 8.84
N THR C 67 1.08 31.61 9.44
CA THR C 67 1.54 31.36 10.80
C THR C 67 2.46 30.15 10.82
N VAL C 68 3.28 30.07 11.87
CA VAL C 68 4.20 28.95 12.01
C VAL C 68 3.44 27.64 12.21
N GLY C 69 2.31 27.70 12.91
CA GLY C 69 1.49 26.50 13.08
C GLY C 69 0.93 26.01 11.77
N GLU C 70 0.48 26.93 10.90
CA GLU C 70 -0.04 26.52 9.61
C GLU C 70 1.06 25.89 8.76
N LEU C 71 2.27 26.45 8.81
CA LEU C 71 3.41 25.86 8.11
C LEU C 71 3.72 24.48 8.65
N GLU C 72 3.64 24.29 9.98
CA GLU C 72 3.81 22.98 10.57
C GLU C 72 2.76 22.01 10.04
N ALA C 73 1.52 22.47 9.93
CA ALA C 73 0.46 21.61 9.40
C ALA C 73 0.75 21.19 7.97
N ASN C 74 1.19 22.13 7.13
CA ASN C 74 1.50 21.80 5.74
C ASN C 74 2.66 20.81 5.66
N ILE C 75 3.72 21.04 6.44
CA ILE C 75 4.88 20.16 6.41
C ILE C 75 4.51 18.77 6.89
N ASN C 76 3.70 18.69 7.96
CA ASN C 76 3.26 17.41 8.46
C ASN C 76 2.41 16.67 7.44
N ALA C 77 1.51 17.39 6.75
CA ALA C 77 0.69 16.76 5.73
C ALA C 77 1.54 16.20 4.60
N GLN C 78 2.51 16.98 4.13
CA GLN C 78 3.37 16.50 3.04
C GLN C 78 4.22 15.31 3.49
N LEU C 79 4.76 15.37 4.71
CA LEU C 79 5.58 14.27 5.20
C LEU C 79 4.76 13.00 5.37
N ALA C 80 3.53 13.13 5.88
CA ALA C 80 2.64 11.98 5.98
C ALA C 80 2.30 11.43 4.60
N ARG C 81 2.17 12.32 3.61
CA ARG C 81 1.97 11.87 2.23
C ARG C 81 3.17 11.04 1.77
N PHE C 82 4.38 11.48 2.11
CA PHE C 82 5.57 10.68 1.85
C PHE C 82 5.68 9.47 2.77
N GLY C 83 5.09 9.52 3.95
CA GLY C 83 5.28 8.45 4.93
C GLY C 83 6.69 8.35 5.44
N TRP C 84 7.31 9.49 5.76
CA TRP C 84 8.67 9.53 6.28
C TRP C 84 8.73 9.73 7.79
N GLY C 85 7.61 10.04 8.43
CA GLY C 85 7.61 10.34 9.85
C GLY C 85 6.90 11.64 10.16
N CYS C 86 7.33 12.33 11.21
CA CYS C 86 6.72 13.58 11.62
C CYS C 86 7.78 14.54 12.14
N VAL C 87 7.43 15.83 12.12
CA VAL C 87 8.30 16.90 12.60
C VAL C 87 7.44 17.90 13.35
N GLU C 88 8.05 18.58 14.32
CA GLU C 88 7.38 19.61 15.10
C GLU C 88 8.26 20.85 15.14
N ILE C 89 7.61 22.02 15.19
CA ILE C 89 8.28 23.31 15.17
C ILE C 89 8.33 23.87 16.59
N ASP C 90 9.47 24.46 16.96
CA ASP C 90 9.61 25.22 18.19
C ASP C 90 10.30 26.54 17.87
N THR C 91 9.90 27.59 18.57
CA THR C 91 10.45 28.93 18.37
C THR C 91 11.29 29.32 19.57
N SER C 92 12.48 29.86 19.31
CA SER C 92 13.38 30.35 20.33
C SER C 92 13.38 31.87 20.33
N ASP C 93 14.29 32.44 21.12
CA ASP C 93 14.41 33.89 21.19
C ASP C 93 14.75 34.51 19.84
N THR C 94 15.59 33.85 19.05
CA THR C 94 15.99 34.38 17.75
C THR C 94 15.91 33.38 16.60
N ASP C 95 15.87 32.07 16.87
CA ASP C 95 15.98 31.06 15.83
C ASP C 95 14.88 30.02 15.98
N LEU C 96 14.74 29.18 14.96
CA LEU C 96 13.73 28.13 14.94
C LEU C 96 14.39 26.77 15.13
N THR C 97 13.61 25.80 15.61
CA THR C 97 14.07 24.43 15.78
C THR C 97 13.04 23.46 15.24
N LEU C 98 13.51 22.46 14.50
CA LEU C 98 12.66 21.42 13.93
C LEU C 98 13.04 20.10 14.58
N ARG C 99 12.08 19.45 15.22
CA ARG C 99 12.31 18.14 15.83
C ARG C 99 11.67 17.06 14.97
N HIS C 100 12.51 16.20 14.39
CA HIS C 100 12.08 15.13 13.50
C HIS C 100 12.14 13.81 14.24
N GLN C 101 11.02 13.10 14.25
CA GLN C 101 10.89 11.84 14.97
C GLN C 101 10.61 10.70 13.99
N ALA C 102 10.87 9.47 14.43
CA ALA C 102 10.64 8.27 13.65
C ALA C 102 11.40 8.30 12.32
N LEU C 103 12.70 8.56 12.39
CA LEU C 103 13.53 8.58 11.19
C LEU C 103 13.63 7.17 10.60
N PRO C 104 13.55 7.04 9.28
CA PRO C 104 13.65 5.72 8.66
C PRO C 104 14.99 5.05 8.97
N VAL C 105 14.95 3.74 9.13
CA VAL C 105 16.11 2.95 9.53
C VAL C 105 16.32 1.84 8.50
N SER C 106 17.57 1.69 8.05
CA SER C 106 17.89 0.64 7.09
C SER C 106 17.83 -0.74 7.76
N ARG C 107 17.60 -1.76 6.94
CA ARG C 107 17.49 -3.11 7.48
C ARG C 107 18.85 -3.66 7.94
N VAL C 108 19.92 -3.27 7.26
CA VAL C 108 21.26 -3.71 7.63
C VAL C 108 21.74 -2.87 8.81
N GLU C 109 22.04 -3.52 9.92
CA GLU C 109 22.41 -2.78 11.14
C GLU C 109 23.83 -2.24 11.06
N ASP C 110 24.73 -2.93 10.35
CA ASP C 110 26.12 -2.51 10.31
C ASP C 110 26.29 -1.16 9.63
N GLN C 111 25.73 -1.00 8.43
CA GLN C 111 25.85 0.25 7.67
C GLN C 111 24.87 1.31 8.14
N GLN C 112 23.90 0.95 8.97
CA GLN C 112 22.77 1.82 9.27
C GLN C 112 23.23 3.21 9.69
N SER C 113 24.19 3.28 10.62
CA SER C 113 24.66 4.58 11.10
C SER C 113 25.07 5.48 9.94
N ARG C 114 25.93 4.97 9.06
CA ARG C 114 26.34 5.76 7.89
C ARG C 114 25.12 6.25 7.14
N TRP C 115 24.19 5.33 6.84
CA TRP C 115 22.99 5.71 6.12
C TRP C 115 22.31 6.91 6.77
N CYS C 116 22.14 6.86 8.09
CA CYS C 116 21.46 7.95 8.79
C CYS C 116 22.09 9.29 8.43
N HIS C 117 23.41 9.38 8.56
CA HIS C 117 24.10 10.64 8.26
C HIS C 117 23.74 11.10 6.85
N ALA C 118 23.87 10.21 5.87
CA ALA C 118 23.56 10.58 4.50
C ALA C 118 22.15 11.13 4.40
N PHE C 119 21.18 10.39 4.97
CA PHE C 119 19.79 10.83 4.86
C PHE C 119 19.64 12.22 5.45
N CYS C 120 20.27 12.48 6.59
CA CYS C 120 20.15 13.78 7.23
C CYS C 120 20.49 14.88 6.25
N ALA C 121 21.60 14.72 5.51
CA ALA C 121 22.02 15.75 4.58
C ALA C 121 20.89 16.14 3.64
N ILE C 122 20.25 15.12 3.03
CA ILE C 122 19.19 15.41 2.08
C ILE C 122 18.13 16.30 2.72
N LEU C 123 17.68 15.93 3.91
CA LEU C 123 16.61 16.69 4.55
C LEU C 123 16.97 18.15 4.62
N GLU C 124 18.22 18.45 4.99
CA GLU C 124 18.68 19.84 5.09
C GLU C 124 18.23 20.62 3.88
N GLY C 125 18.68 20.21 2.69
CA GLY C 125 18.37 20.98 1.50
C GLY C 125 16.88 21.17 1.33
N LEU C 126 16.13 20.08 1.48
CA LEU C 126 14.68 20.15 1.31
C LEU C 126 14.11 21.22 2.23
N TYR C 127 14.45 21.14 3.52
CA TYR C 127 13.87 22.06 4.49
C TYR C 127 14.11 23.50 4.06
N VAL C 128 15.32 23.78 3.56
CA VAL C 128 15.66 25.16 3.22
C VAL C 128 14.64 25.73 2.24
N ARG C 129 14.37 24.99 1.15
CA ARG C 129 13.49 25.54 0.14
C ARG C 129 12.09 25.74 0.68
N TRP C 130 11.65 24.84 1.57
CA TRP C 130 10.33 25.01 2.14
C TRP C 130 10.26 26.26 3.01
N MET C 131 11.35 26.55 3.73
CA MET C 131 11.39 27.80 4.50
C MET C 131 11.43 28.99 3.57
N GLN C 132 11.90 28.79 2.33
CA GLN C 132 11.91 29.87 1.36
C GLN C 132 10.52 30.12 0.79
N GLY C 133 9.55 29.26 1.16
CA GLY C 133 8.19 29.45 0.69
C GLY C 133 7.56 30.74 1.18
N GLN C 134 8.01 31.24 2.34
CA GLN C 134 7.52 32.49 2.90
C GLN C 134 8.33 33.70 2.46
N GLY C 135 8.98 33.63 1.30
CA GLY C 135 9.79 34.73 0.81
C GLY C 135 11.20 34.79 1.34
N GLY C 136 11.66 33.74 2.02
CA GLY C 136 13.02 33.76 2.53
C GLY C 136 14.04 33.74 1.41
N LYS C 137 15.16 34.42 1.65
CA LYS C 137 16.22 34.51 0.65
C LYS C 137 17.02 33.21 0.61
N SER C 138 17.79 33.05 -0.47
CA SER C 138 18.51 31.80 -0.69
C SER C 138 19.71 31.65 0.24
N HIS C 139 20.27 32.76 0.74
CA HIS C 139 21.53 32.69 1.47
C HIS C 139 21.37 32.09 2.86
N VAL C 140 20.16 31.95 3.38
CA VAL C 140 19.96 31.41 4.72
C VAL C 140 19.89 29.89 4.63
N THR C 141 20.47 29.22 5.64
CA THR C 141 20.58 27.77 5.64
C THR C 141 20.23 27.21 7.02
N VAL C 142 20.34 25.88 7.12
CA VAL C 142 20.08 25.16 8.35
C VAL C 142 21.28 24.24 8.62
N SER C 143 21.49 23.89 9.88
CA SER C 143 22.61 23.04 10.27
C SER C 143 22.22 22.15 11.45
N ARG C 144 22.96 21.06 11.62
CA ARG C 144 22.75 20.16 12.73
C ARG C 144 23.33 20.75 14.02
N GLU C 145 22.83 20.26 15.15
CA GLU C 145 23.36 20.66 16.44
C GLU C 145 23.74 19.45 17.30
N ARG C 146 22.92 18.40 17.26
CA ARG C 146 23.18 17.20 18.04
C ARG C 146 22.22 16.11 17.56
N LEU C 147 22.55 14.87 17.92
CA LEU C 147 21.79 13.70 17.49
C LEU C 147 21.30 12.95 18.72
N PHE C 148 19.97 12.82 18.84
CA PHE C 148 19.39 12.05 19.95
C PHE C 148 19.76 10.58 19.84
N SER C 149 19.29 9.90 18.80
CA SER C 149 19.51 8.48 18.62
C SER C 149 19.38 8.17 17.13
N LEU C 150 19.28 6.87 16.81
CA LEU C 150 19.21 6.44 15.43
C LEU C 150 17.88 6.75 14.76
N SER C 151 16.86 7.19 15.52
CA SER C 151 15.56 7.47 14.96
C SER C 151 14.97 8.76 15.51
N ASP C 152 15.81 9.78 15.69
CA ASP C 152 15.35 11.07 16.21
C ASP C 152 16.44 12.10 15.97
N VAL C 153 16.07 13.27 15.46
CA VAL C 153 17.03 14.31 15.14
C VAL C 153 16.38 15.68 15.37
N GLN C 154 17.21 16.72 15.46
CA GLN C 154 16.72 18.09 15.58
C GLN C 154 17.61 19.02 14.79
N PHE C 155 16.99 19.96 14.07
CA PHE C 155 17.65 20.91 13.20
C PHE C 155 17.45 22.32 13.75
N ARG C 156 18.44 23.18 13.55
CA ARG C 156 18.35 24.57 13.97
C ARG C 156 18.37 25.46 12.73
N TYR C 157 17.36 26.32 12.61
CA TYR C 157 17.26 27.28 11.51
C TYR C 157 17.57 28.66 12.08
N HIS C 158 18.67 29.25 11.60
CA HIS C 158 19.11 30.56 12.04
C HIS C 158 19.46 31.42 10.83
N ASN C 159 19.33 32.73 11.00
CA ASN C 159 19.64 33.67 9.92
C ASN C 159 21.13 33.96 9.86
N THR D 4 -0.37 0.46 -24.55
CA THR D 4 0.00 -0.64 -25.44
C THR D 4 0.43 -1.87 -24.66
N THR D 5 0.39 -1.76 -23.34
CA THR D 5 0.78 -2.85 -22.44
C THR D 5 -0.47 -3.66 -22.10
N THR D 6 -0.72 -4.71 -22.87
CA THR D 6 -1.87 -5.59 -22.66
C THR D 6 -1.59 -6.56 -21.52
N LEU D 7 -2.60 -7.39 -21.22
CA LEU D 7 -2.55 -8.32 -20.10
C LEU D 7 -2.83 -9.73 -20.60
N GLU D 8 -2.23 -10.08 -21.74
CA GLU D 8 -2.31 -11.44 -22.24
C GLU D 8 -1.54 -12.43 -21.37
N ASN D 9 -0.55 -11.95 -20.61
CA ASN D 9 0.18 -12.80 -19.67
C ASN D 9 -0.64 -12.92 -18.40
N PRO D 10 -1.03 -14.13 -17.97
CA PRO D 10 -1.87 -14.24 -16.77
C PRO D 10 -1.21 -13.70 -15.51
N ALA D 11 0.13 -13.69 -15.43
CA ALA D 11 0.79 -13.20 -14.23
C ALA D 11 0.49 -11.72 -13.98
N LEU D 12 0.53 -10.91 -15.04
CA LEU D 12 0.30 -9.48 -14.88
C LEU D 12 -1.13 -9.19 -14.41
N LEU D 13 -2.12 -9.85 -15.03
CA LEU D 13 -3.50 -9.63 -14.61
C LEU D 13 -3.73 -10.16 -13.20
N GLY D 14 -3.09 -11.27 -12.85
CA GLY D 14 -3.20 -11.77 -11.49
C GLY D 14 -2.65 -10.81 -10.46
N TRP D 15 -1.47 -10.24 -10.74
CA TRP D 15 -0.89 -9.25 -9.82
C TRP D 15 -1.78 -8.02 -9.74
N PHE D 16 -2.31 -7.57 -10.87
CA PHE D 16 -3.17 -6.40 -10.87
C PHE D 16 -4.42 -6.62 -10.04
N ARG D 17 -5.06 -7.78 -10.22
CA ARG D 17 -6.28 -8.08 -9.46
C ARG D 17 -5.97 -8.26 -7.98
N GLY D 18 -4.83 -8.87 -7.66
CA GLY D 18 -4.46 -9.01 -6.26
C GLY D 18 -4.16 -7.69 -5.59
N GLN D 19 -3.54 -6.77 -6.32
CA GLN D 19 -3.25 -5.45 -5.75
C GLN D 19 -4.50 -4.58 -5.68
N GLN D 20 -5.49 -4.84 -6.54
CA GLN D 20 -6.73 -4.08 -6.49
C GLN D 20 -7.47 -4.30 -5.17
N THR D 21 -7.52 -5.54 -4.70
CA THR D 21 -8.18 -5.88 -3.45
C THR D 21 -7.16 -6.45 -2.47
N PRO D 22 -6.70 -5.68 -1.48
CA PRO D 22 -5.73 -6.21 -0.53
C PRO D 22 -6.33 -7.30 0.33
N GLU D 23 -5.45 -8.10 0.93
CA GLU D 23 -5.88 -9.26 1.70
C GLU D 23 -6.57 -8.85 2.99
N GLY D 24 -7.36 -9.77 3.54
CA GLY D 24 -7.99 -9.60 4.83
C GLY D 24 -9.37 -8.98 4.82
N TRP D 25 -9.44 -7.66 4.60
CA TRP D 25 -10.71 -6.96 4.73
C TRP D 25 -11.70 -7.40 3.65
N PHE D 26 -11.22 -7.58 2.42
CA PHE D 26 -12.10 -7.91 1.32
C PHE D 26 -12.76 -9.28 1.52
N ASP D 27 -12.00 -10.25 2.01
CA ASP D 27 -12.56 -11.57 2.26
C ASP D 27 -13.66 -11.52 3.31
N LEU D 28 -13.44 -10.78 4.39
CA LEU D 28 -14.46 -10.67 5.43
C LEU D 28 -15.71 -9.96 4.90
N LEU D 29 -15.52 -8.91 4.11
CA LEU D 29 -16.66 -8.21 3.53
C LEU D 29 -17.45 -9.13 2.60
N ALA D 30 -16.75 -9.90 1.77
CA ALA D 30 -17.42 -10.84 0.88
C ALA D 30 -18.19 -11.89 1.67
N LEU D 31 -17.58 -12.40 2.74
CA LEU D 31 -18.26 -13.39 3.58
C LEU D 31 -19.53 -12.81 4.19
N ILE D 32 -19.45 -11.58 4.72
CA ILE D 32 -20.63 -10.96 5.33
C ILE D 32 -21.74 -10.78 4.30
N VAL D 33 -21.39 -10.25 3.13
CA VAL D 33 -22.40 -9.99 2.11
C VAL D 33 -23.02 -11.29 1.63
N ASP D 34 -22.19 -12.32 1.40
CA ASP D 34 -22.71 -13.59 0.93
C ASP D 34 -23.62 -14.23 1.98
N GLY D 35 -23.23 -14.17 3.26
CA GLY D 35 -24.08 -14.71 4.30
C GLY D 35 -25.42 -14.00 4.37
N MET D 36 -25.40 -12.67 4.33
CA MET D 36 -26.66 -11.93 4.40
C MET D 36 -27.54 -12.22 3.19
N VAL D 37 -26.95 -12.29 1.99
CA VAL D 37 -27.77 -12.50 0.80
C VAL D 37 -28.32 -13.92 0.76
N ARG D 38 -27.57 -14.88 1.33
CA ARG D 38 -28.12 -16.24 1.44
C ARG D 38 -29.25 -16.28 2.46
N ASN D 39 -29.10 -15.57 3.58
CA ASN D 39 -30.12 -15.60 4.62
C ASN D 39 -31.41 -14.92 4.16
N VAL D 40 -31.31 -13.80 3.47
CA VAL D 40 -32.49 -13.03 3.09
C VAL D 40 -32.94 -13.26 1.65
N GLY D 41 -32.03 -13.25 0.69
CA GLY D 41 -32.41 -13.41 -0.70
C GLY D 41 -31.91 -12.26 -1.56
N GLU D 42 -31.75 -12.54 -2.85
CA GLU D 42 -31.18 -11.55 -3.77
C GLU D 42 -32.10 -10.35 -3.94
N LEU D 43 -33.37 -10.61 -4.24
CA LEU D 43 -34.29 -9.50 -4.50
C LEU D 43 -34.63 -8.76 -3.21
N GLU D 44 -34.96 -9.49 -2.15
CA GLU D 44 -35.38 -8.87 -0.90
C GLU D 44 -34.31 -7.97 -0.29
N SER D 45 -33.03 -8.28 -0.52
CA SER D 45 -31.96 -7.44 -0.03
C SER D 45 -31.57 -6.32 -0.99
N GLN D 46 -32.13 -6.30 -2.19
CA GLN D 46 -31.77 -5.28 -3.17
C GLN D 46 -32.07 -3.87 -2.67
N PRO D 47 -33.25 -3.56 -2.13
CA PRO D 47 -33.47 -2.19 -1.64
C PRO D 47 -32.57 -1.80 -0.48
N PHE D 48 -32.51 -2.64 0.55
CA PHE D 48 -31.73 -2.32 1.75
C PHE D 48 -30.29 -1.97 1.40
N LEU D 49 -29.62 -2.83 0.63
CA LEU D 49 -28.24 -2.56 0.21
C LEU D 49 -28.13 -1.20 -0.44
N ARG D 50 -29.09 -0.86 -1.31
CA ARG D 50 -29.09 0.44 -1.96
C ARG D 50 -28.94 1.56 -0.93
N GLN D 51 -29.75 1.51 0.14
CA GLN D 51 -29.67 2.54 1.17
C GLN D 51 -28.25 2.67 1.70
N MET D 52 -27.60 1.53 1.99
CA MET D 52 -26.24 1.57 2.49
C MET D 52 -25.34 2.35 1.54
N GLY D 53 -25.44 2.08 0.23
CA GLY D 53 -24.64 2.81 -0.72
C GLY D 53 -24.85 4.32 -0.59
N ILE D 54 -26.11 4.73 -0.47
CA ILE D 54 -26.40 6.16 -0.32
C ILE D 54 -25.68 6.71 0.90
N ALA D 55 -25.70 5.96 2.01
CA ALA D 55 -25.03 6.40 3.21
C ALA D 55 -23.55 6.65 2.95
N LEU D 56 -22.93 5.78 2.16
CA LEU D 56 -21.51 5.94 1.85
C LEU D 56 -21.27 7.26 1.15
N ALA D 57 -22.18 7.63 0.23
CA ALA D 57 -21.99 8.87 -0.51
C ALA D 57 -22.12 10.09 0.41
N ASP D 58 -22.77 9.92 1.56
CA ASP D 58 -22.83 11.02 2.52
C ASP D 58 -21.46 11.33 3.10
N GLN D 59 -20.57 10.33 3.14
CA GLN D 59 -19.26 10.54 3.73
C GLN D 59 -18.39 11.46 2.88
N TYR D 60 -18.42 11.31 1.57
CA TYR D 60 -17.42 11.91 0.67
C TYR D 60 -18.11 12.72 -0.42
N PRO D 61 -18.52 13.95 -0.12
CA PRO D 61 -19.16 14.78 -1.14
C PRO D 61 -18.16 15.25 -2.19
N LEU D 62 -18.70 15.58 -3.36
CA LEU D 62 -17.92 16.12 -4.47
C LEU D 62 -18.21 17.59 -4.70
N PRO D 63 -17.24 18.33 -5.24
CA PRO D 63 -17.49 19.75 -5.56
C PRO D 63 -18.40 19.89 -6.77
N ALA D 64 -18.97 21.09 -6.89
CA ALA D 64 -19.89 21.38 -7.98
C ALA D 64 -19.16 21.33 -9.32
N SER D 65 -19.89 20.90 -10.35
CA SER D 65 -19.37 20.80 -11.70
C SER D 65 -20.33 21.47 -12.67
N GLU D 66 -19.79 21.99 -13.77
CA GLU D 66 -20.60 22.67 -14.79
C GLU D 66 -20.76 21.87 -16.07
N THR D 67 -19.86 20.93 -16.34
CA THR D 67 -19.92 20.12 -17.55
C THR D 67 -19.84 18.64 -17.20
N VAL D 68 -20.29 17.80 -18.13
CA VAL D 68 -20.26 16.37 -17.90
C VAL D 68 -18.82 15.87 -17.81
N GLY D 69 -17.91 16.49 -18.56
CA GLY D 69 -16.52 16.09 -18.47
C GLY D 69 -15.92 16.34 -17.10
N GLU D 70 -16.25 17.48 -16.49
CA GLU D 70 -15.75 17.76 -15.15
C GLU D 70 -16.29 16.77 -14.13
N LEU D 71 -17.58 16.43 -14.24
CA LEU D 71 -18.16 15.43 -13.34
C LEU D 71 -17.50 14.07 -13.52
N GLU D 72 -17.22 13.71 -14.78
CA GLU D 72 -16.50 12.47 -15.05
C GLU D 72 -15.11 12.50 -14.42
N ALA D 73 -14.43 13.63 -14.51
CA ALA D 73 -13.11 13.76 -13.91
C ALA D 73 -13.16 13.58 -12.40
N ASN D 74 -14.14 14.22 -11.75
CA ASN D 74 -14.27 14.08 -10.30
C ASN D 74 -14.60 12.65 -9.90
N ILE D 75 -15.52 12.02 -10.63
CA ILE D 75 -15.89 10.64 -10.31
C ILE D 75 -14.70 9.71 -10.50
N ASN D 76 -13.93 9.91 -11.58
CA ASN D 76 -12.75 9.09 -11.81
C ASN D 76 -11.72 9.30 -10.72
N ALA D 77 -11.52 10.55 -10.28
CA ALA D 77 -10.57 10.81 -9.21
C ALA D 77 -10.98 10.10 -7.93
N GLN D 78 -12.26 10.20 -7.56
CA GLN D 78 -12.71 9.54 -6.34
C GLN D 78 -12.61 8.02 -6.45
N LEU D 79 -12.97 7.45 -7.61
CA LEU D 79 -12.89 6.00 -7.79
C LEU D 79 -11.44 5.53 -7.73
N ALA D 80 -10.51 6.28 -8.33
CA ALA D 80 -9.10 5.94 -8.23
C ALA D 80 -8.62 6.04 -6.79
N ARG D 81 -9.14 7.02 -6.04
CA ARG D 81 -8.82 7.11 -4.62
C ARG D 81 -9.27 5.85 -3.88
N PHE D 82 -10.47 5.37 -4.19
CA PHE D 82 -10.93 4.10 -3.65
C PHE D 82 -10.20 2.90 -4.25
N GLY D 83 -9.64 3.04 -5.45
CA GLY D 83 -9.02 1.90 -6.10
C GLY D 83 -10.01 0.81 -6.49
N TRP D 84 -11.16 1.19 -7.04
CA TRP D 84 -12.18 0.23 -7.44
C TRP D 84 -12.21 -0.03 -8.93
N GLY D 85 -11.53 0.79 -9.73
CA GLY D 85 -11.57 0.64 -11.18
C GLY D 85 -11.81 1.96 -11.87
N CYS D 86 -12.52 1.93 -13.01
CA CYS D 86 -12.78 3.13 -13.77
C CYS D 86 -14.17 3.07 -14.38
N VAL D 87 -14.71 4.25 -14.67
CA VAL D 87 -16.03 4.40 -15.29
C VAL D 87 -15.95 5.52 -16.30
N GLU D 88 -16.77 5.43 -17.35
CA GLU D 88 -16.84 6.44 -18.39
C GLU D 88 -18.29 6.82 -18.63
N ILE D 89 -18.50 8.08 -19.00
CA ILE D 89 -19.83 8.65 -19.21
C ILE D 89 -20.11 8.74 -20.70
N ASP D 90 -21.34 8.43 -21.08
CA ASP D 90 -21.84 8.68 -22.43
C ASP D 90 -23.22 9.31 -22.35
N THR D 91 -23.51 10.22 -23.27
CA THR D 91 -24.77 10.94 -23.29
C THR D 91 -25.56 10.55 -24.53
N SER D 92 -26.84 10.27 -24.34
CA SER D 92 -27.75 9.95 -25.42
C SER D 92 -28.72 11.12 -25.64
N ASP D 93 -29.69 10.90 -26.52
CA ASP D 93 -30.68 11.93 -26.80
C ASP D 93 -31.52 12.28 -25.58
N THR D 94 -31.79 11.30 -24.71
CA THR D 94 -32.63 11.53 -23.54
C THR D 94 -32.03 11.00 -22.23
N ASP D 95 -31.14 10.02 -22.28
CA ASP D 95 -30.68 9.34 -21.07
C ASP D 95 -29.16 9.31 -21.03
N LEU D 96 -28.62 9.04 -19.84
CA LEU D 96 -27.18 8.92 -19.65
C LEU D 96 -26.80 7.45 -19.48
N THR D 97 -25.55 7.13 -19.82
CA THR D 97 -25.04 5.77 -19.67
C THR D 97 -23.68 5.80 -18.99
N LEU D 98 -23.49 4.92 -18.02
CA LEU D 98 -22.23 4.76 -17.31
C LEU D 98 -21.66 3.40 -17.67
N ARG D 99 -20.41 3.37 -18.09
CA ARG D 99 -19.73 2.11 -18.37
C ARG D 99 -18.62 1.89 -17.35
N HIS D 100 -18.77 0.86 -16.52
CA HIS D 100 -17.84 0.54 -15.45
C HIS D 100 -17.00 -0.65 -15.87
N GLN D 101 -15.68 -0.50 -15.83
CA GLN D 101 -14.74 -1.53 -16.25
C GLN D 101 -13.85 -1.91 -15.08
N ALA D 102 -13.20 -3.08 -15.21
CA ALA D 102 -12.31 -3.61 -14.18
C ALA D 102 -13.03 -3.79 -12.84
N LEU D 103 -14.18 -4.44 -12.88
CA LEU D 103 -14.94 -4.69 -11.65
C LEU D 103 -14.17 -5.66 -10.75
N PRO D 104 -14.13 -5.41 -9.45
CA PRO D 104 -13.41 -6.33 -8.55
C PRO D 104 -14.00 -7.73 -8.59
N VAL D 105 -13.14 -8.72 -8.46
CA VAL D 105 -13.50 -10.13 -8.58
C VAL D 105 -13.04 -10.85 -7.32
N SER D 106 -13.93 -11.65 -6.74
CA SER D 106 -13.58 -12.43 -5.56
C SER D 106 -12.60 -13.54 -5.93
N ARG D 107 -11.78 -13.94 -4.96
CA ARG D 107 -10.78 -14.97 -5.21
C ARG D 107 -11.41 -16.34 -5.42
N VAL D 108 -12.50 -16.63 -4.72
CA VAL D 108 -13.21 -17.90 -4.88
C VAL D 108 -14.11 -17.77 -6.10
N GLU D 109 -13.90 -18.64 -7.10
CA GLU D 109 -14.66 -18.53 -8.35
C GLU D 109 -16.08 -19.07 -8.18
N ASP D 110 -16.31 -19.90 -7.17
CA ASP D 110 -17.63 -20.52 -7.00
C ASP D 110 -18.69 -19.47 -6.69
N GLN D 111 -18.44 -18.62 -5.69
CA GLN D 111 -19.38 -17.60 -5.27
C GLN D 111 -19.34 -16.36 -6.15
N GLN D 112 -18.30 -16.22 -6.97
CA GLN D 112 -18.02 -14.96 -7.65
C GLN D 112 -19.25 -14.41 -8.36
N SER D 113 -19.92 -15.25 -9.15
CA SER D 113 -21.14 -14.82 -9.83
C SER D 113 -22.07 -14.07 -8.89
N ARG D 114 -22.53 -14.76 -7.84
CA ARG D 114 -23.42 -14.12 -6.87
C ARG D 114 -22.81 -12.82 -6.37
N TRP D 115 -21.53 -12.85 -5.98
CA TRP D 115 -20.86 -11.67 -5.48
C TRP D 115 -21.03 -10.50 -6.44
N CYS D 116 -20.76 -10.73 -7.73
CA CYS D 116 -20.87 -9.65 -8.70
C CYS D 116 -22.23 -8.98 -8.60
N HIS D 117 -23.31 -9.77 -8.63
CA HIS D 117 -24.64 -9.21 -8.55
C HIS D 117 -24.76 -8.30 -7.33
N ALA D 118 -24.39 -8.83 -6.15
CA ALA D 118 -24.48 -8.05 -4.93
C ALA D 118 -23.76 -6.73 -5.09
N PHE D 119 -22.53 -6.77 -5.59
CA PHE D 119 -21.75 -5.54 -5.70
C PHE D 119 -22.48 -4.53 -6.57
N CYS D 120 -23.00 -5.00 -7.71
CA CYS D 120 -23.70 -4.09 -8.61
C CYS D 120 -24.75 -3.30 -7.85
N ALA D 121 -25.53 -3.99 -7.01
CA ALA D 121 -26.60 -3.32 -6.29
C ALA D 121 -26.08 -2.11 -5.54
N ILE D 122 -25.03 -2.28 -4.74
CA ILE D 122 -24.61 -1.17 -3.89
C ILE D 122 -24.18 0.00 -4.76
N LEU D 123 -23.48 -0.28 -5.87
CA LEU D 123 -23.02 0.80 -6.72
C LEU D 123 -24.17 1.69 -7.13
N GLU D 124 -25.32 1.08 -7.49
CA GLU D 124 -26.48 1.85 -7.87
C GLU D 124 -26.72 2.99 -6.90
N GLY D 125 -26.89 2.66 -5.61
CA GLY D 125 -27.22 3.68 -4.65
C GLY D 125 -26.21 4.80 -4.65
N LEU D 126 -24.93 4.43 -4.62
CA LEU D 126 -23.88 5.45 -4.59
C LEU D 126 -24.05 6.40 -5.76
N TYR D 127 -24.15 5.85 -6.97
CA TYR D 127 -24.23 6.70 -8.16
C TYR D 127 -25.35 7.70 -8.03
N VAL D 128 -26.51 7.24 -7.51
CA VAL D 128 -27.67 8.12 -7.44
C VAL D 128 -27.33 9.39 -6.71
N ARG D 129 -26.70 9.28 -5.53
CA ARG D 129 -26.44 10.47 -4.74
C ARG D 129 -25.51 11.40 -5.48
N TRP D 130 -24.49 10.85 -6.16
CA TRP D 130 -23.57 11.70 -6.88
C TRP D 130 -24.27 12.43 -8.01
N MET D 131 -25.24 11.76 -8.65
CA MET D 131 -25.99 12.42 -9.71
C MET D 131 -26.88 13.51 -9.14
N GLN D 132 -27.27 13.39 -7.87
CA GLN D 132 -28.05 14.44 -7.24
C GLN D 132 -27.16 15.57 -6.75
N GLY D 133 -25.84 15.43 -6.92
CA GLY D 133 -24.94 16.53 -6.62
C GLY D 133 -25.18 17.74 -7.49
N GLN D 134 -25.61 17.52 -8.74
CA GLN D 134 -25.90 18.59 -9.68
C GLN D 134 -27.34 19.04 -9.66
N GLY D 135 -28.06 18.82 -8.55
CA GLY D 135 -29.45 19.21 -8.44
C GLY D 135 -30.45 18.15 -8.85
N GLY D 136 -30.03 16.88 -8.94
CA GLY D 136 -30.95 15.84 -9.33
C GLY D 136 -32.04 15.63 -8.28
N LYS D 137 -33.23 15.28 -8.75
CA LYS D 137 -34.36 15.05 -7.86
C LYS D 137 -34.20 13.74 -7.10
N SER D 138 -34.89 13.65 -5.96
CA SER D 138 -34.78 12.46 -5.12
C SER D 138 -35.38 11.23 -5.78
N HIS D 139 -36.49 11.40 -6.51
CA HIS D 139 -37.20 10.26 -7.06
C HIS D 139 -36.58 9.72 -8.35
N VAL D 140 -35.56 10.38 -8.88
CA VAL D 140 -34.91 9.91 -10.10
C VAL D 140 -33.84 8.89 -9.74
N THR D 141 -33.90 7.72 -10.35
CA THR D 141 -33.04 6.60 -9.99
C THR D 141 -32.37 6.02 -11.24
N VAL D 142 -31.56 4.98 -11.00
CA VAL D 142 -30.87 4.24 -12.05
C VAL D 142 -31.18 2.77 -11.89
N SER D 143 -31.04 2.00 -12.98
CA SER D 143 -31.32 0.58 -12.97
C SER D 143 -30.34 -0.15 -13.88
N ARG D 144 -29.95 -1.34 -13.46
CA ARG D 144 -29.10 -2.21 -14.27
C ARG D 144 -29.86 -2.68 -15.51
N GLU D 145 -29.14 -2.74 -16.64
CA GLU D 145 -29.77 -3.12 -17.90
C GLU D 145 -29.12 -4.34 -18.53
N ARG D 146 -27.79 -4.43 -18.46
CA ARG D 146 -27.08 -5.53 -19.11
C ARG D 146 -25.74 -5.74 -18.41
N LEU D 147 -25.25 -6.97 -18.49
CA LEU D 147 -23.95 -7.35 -17.93
C LEU D 147 -23.14 -8.01 -19.04
N PHE D 148 -22.09 -7.33 -19.51
CA PHE D 148 -21.28 -7.87 -20.59
C PHE D 148 -20.58 -9.16 -20.17
N SER D 149 -19.89 -9.13 -19.04
CA SER D 149 -19.15 -10.29 -18.55
C SER D 149 -18.98 -10.15 -17.05
N LEU D 150 -18.09 -10.96 -16.47
CA LEU D 150 -17.89 -10.96 -15.04
C LEU D 150 -17.16 -9.71 -14.54
N SER D 151 -16.60 -8.89 -15.44
CA SER D 151 -15.85 -7.71 -15.04
C SER D 151 -16.18 -6.51 -15.93
N ASP D 152 -17.45 -6.29 -16.24
CA ASP D 152 -17.85 -5.14 -17.05
C ASP D 152 -19.34 -4.91 -16.87
N VAL D 153 -19.71 -3.70 -16.44
CA VAL D 153 -21.11 -3.38 -16.15
C VAL D 153 -21.47 -2.07 -16.84
N GLN D 154 -22.76 -1.86 -17.06
CA GLN D 154 -23.25 -0.59 -17.59
C GLN D 154 -24.56 -0.21 -16.88
N PHE D 155 -24.70 1.07 -16.57
CA PHE D 155 -25.85 1.63 -15.89
C PHE D 155 -26.52 2.66 -16.79
N ARG D 156 -27.84 2.80 -16.62
CA ARG D 156 -28.63 3.76 -17.38
C ARG D 156 -29.29 4.75 -16.43
N TYR D 157 -29.12 6.04 -16.69
CA TYR D 157 -29.75 7.11 -15.93
C TYR D 157 -30.88 7.68 -16.79
N HIS D 158 -32.11 7.54 -16.30
CA HIS D 158 -33.29 8.01 -16.99
C HIS D 158 -34.36 8.38 -15.98
N ASN D 159 -35.32 9.19 -16.42
CA ASN D 159 -36.42 9.61 -15.56
C ASN D 159 -37.50 8.53 -15.49
#